data_5E05
#
_entry.id   5E05
#
_cell.length_a   49.742
_cell.length_b   74.908
_cell.length_c   154.359
_cell.angle_alpha   90.00
_cell.angle_beta   90.00
_cell.angle_gamma   90.00
#
_symmetry.space_group_name_H-M   'C 2 2 21'
#
loop_
_entity.id
_entity.type
_entity.pdbx_description
1 polymer 'Nucleocapsid protein'
2 non-polymer 'PHOSPHATE ION'
3 water water
#
_entity_poly.entity_id   1
_entity_poly.type   'polypeptide(L)'
_entity_poly.pdbx_seq_one_letter_code
;GQTADWKSIGLYILSFALPIILKALYMLSTRGRQTIKENKGTRIRFKDDSSYEEVNGIRKPRHLYVSMPTAQSTMKADEI
TPGRFRTIACGLFPAQVKARNIISPVMGVIGFSFFVKDWMERIDDFLAARCPFLPEQKDPRDAALATNRAYFITRQLQVD
ESKVSDIEDLIADARAESATIFADIATPHSVWVFACAPDRCPPTALYVAGMPELGAFFAILQDMRNTIMASKSVGTSEEK
LKKKSAFYQSYLRRTQSMGIQLDQKIIILYMSHWGREAVNHFHL
;
_entity_poly.pdbx_strand_id   A
#
loop_
_chem_comp.id
_chem_comp.type
_chem_comp.name
_chem_comp.formula
PO4 non-polymer 'PHOSPHATE ION' 'O4 P -3'
#
# COMPACT_ATOMS: atom_id res chain seq x y z
N GLY A 1 11.49 11.79 -1.14
CA GLY A 1 10.98 12.79 -0.22
C GLY A 1 10.92 11.94 1.04
N GLN A 2 10.77 12.61 2.19
CA GLN A 2 10.54 12.05 3.55
C GLN A 2 9.52 12.79 4.41
N THR A 3 9.23 14.03 4.04
CA THR A 3 8.66 15.00 4.96
C THR A 3 7.13 15.07 5.05
N ALA A 4 6.42 14.11 4.44
CA ALA A 4 4.96 14.10 4.48
C ALA A 4 4.41 14.02 5.91
N ASP A 5 3.37 14.81 6.18
CA ASP A 5 2.71 14.82 7.47
C ASP A 5 1.49 13.89 7.45
N TRP A 6 1.74 12.60 7.62
CA TRP A 6 0.69 11.60 7.46
C TRP A 6 -0.45 11.75 8.45
N LYS A 7 -0.14 12.16 9.67
CA LYS A 7 -1.18 12.33 10.68
C LYS A 7 -2.23 13.32 10.17
N SER A 8 -1.75 14.45 9.68
CA SER A 8 -2.60 15.53 9.17
C SER A 8 -3.31 15.16 7.86
N ILE A 9 -2.55 14.64 6.91
CA ILE A 9 -3.10 14.24 5.64
C ILE A 9 -4.18 13.17 5.88
N GLY A 10 -3.90 12.22 6.76
CA GLY A 10 -4.88 11.23 7.15
C GLY A 10 -6.12 11.78 7.84
N LEU A 11 -5.94 12.84 8.63
CA LEU A 11 -7.09 13.43 9.30
C LEU A 11 -8.04 13.96 8.26
N TYR A 12 -7.48 14.69 7.30
CA TYR A 12 -8.27 15.25 6.23
C TYR A 12 -9.04 14.13 5.49
N ILE A 13 -8.34 13.10 5.04
CA ILE A 13 -8.97 12.08 4.21
C ILE A 13 -10.08 11.30 4.92
N LEU A 14 -9.81 10.91 6.16
CA LEU A 14 -10.78 10.17 6.98
C LEU A 14 -12.07 10.94 7.31
N SER A 15 -12.05 12.27 7.16
CA SER A 15 -13.25 13.06 7.41
C SER A 15 -14.18 13.09 6.19
N PHE A 16 -13.85 12.35 5.15
CA PHE A 16 -14.70 12.33 3.97
C PHE A 16 -15.54 11.05 3.89
N ALA A 17 -16.70 11.16 3.28
CA ALA A 17 -17.50 9.98 2.96
C ALA A 17 -16.70 9.07 2.04
N LEU A 18 -16.87 7.78 2.25
CA LEU A 18 -16.13 6.77 1.51
C LEU A 18 -16.31 6.86 -0.02
N PRO A 19 -17.56 7.00 -0.51
CA PRO A 19 -17.68 7.01 -1.98
C PRO A 19 -16.84 8.09 -2.69
N ILE A 20 -16.60 9.25 -2.08
CA ILE A 20 -15.79 10.26 -2.75
C ILE A 20 -14.29 9.90 -2.69
N ILE A 21 -13.87 9.21 -1.62
CA ILE A 21 -12.49 8.73 -1.54
C ILE A 21 -12.21 7.69 -2.61
N LEU A 22 -13.11 6.71 -2.71
CA LEU A 22 -12.98 5.63 -3.68
C LEU A 22 -13.05 6.14 -5.12
N LYS A 23 -13.83 7.18 -5.36
CA LYS A 23 -13.86 7.81 -6.67
C LYS A 23 -12.48 8.41 -6.99
N ALA A 24 -11.99 9.27 -6.10
CA ALA A 24 -10.66 9.90 -6.27
C ALA A 24 -9.56 8.84 -6.44
N LEU A 25 -9.57 7.84 -5.59
CA LEU A 25 -8.56 6.79 -5.69
C LEU A 25 -8.69 6.09 -7.01
N TYR A 26 -9.90 5.69 -7.37
CA TYR A 26 -10.13 5.07 -8.68
C TYR A 26 -9.60 5.92 -9.82
N MET A 27 -10.01 7.19 -9.86
CA MET A 27 -9.61 8.08 -10.94
C MET A 27 -8.10 8.25 -11.05
N LEU A 28 -7.44 8.48 -9.91
CA LEU A 28 -6.00 8.69 -9.90
C LEU A 28 -5.19 7.39 -10.02
N SER A 29 -5.84 6.23 -9.89
CA SER A 29 -5.13 4.96 -9.96
C SER A 29 -5.20 4.29 -11.32
N THR A 30 -6.31 4.49 -12.02
CA THR A 30 -6.51 3.80 -13.27
C THR A 30 -6.62 4.78 -14.43
N ARG A 31 -6.72 6.06 -14.09
CA ARG A 31 -6.84 7.13 -15.09
C ARG A 31 -5.99 8.32 -14.69
N GLY A 32 -4.86 8.05 -14.04
CA GLY A 32 -4.04 9.09 -13.44
C GLY A 32 -3.63 10.20 -14.37
N ARG A 33 -2.89 9.87 -15.42
CA ARG A 33 -2.37 10.91 -16.31
C ARG A 33 -3.50 11.52 -17.10
N GLN A 34 -4.58 10.77 -17.27
CA GLN A 34 -5.74 11.21 -18.03
C GLN A 34 -6.57 12.25 -17.29
N THR A 35 -6.61 12.17 -15.97
CA THR A 35 -7.41 13.11 -15.17
C THR A 35 -6.62 14.38 -14.85
N ILE A 36 -5.30 14.23 -14.78
CA ILE A 36 -4.41 15.35 -14.50
C ILE A 36 -4.36 16.32 -15.66
N LYS A 37 -4.08 15.81 -16.86
CA LYS A 37 -3.96 16.66 -18.05
C LYS A 37 -5.29 17.16 -18.60
N GLU A 38 -6.37 17.03 -17.83
CA GLU A 38 -7.63 17.61 -18.22
C GLU A 38 -8.15 18.50 -17.12
N ASN A 39 -7.30 18.76 -16.13
CA ASN A 39 -7.74 19.58 -15.01
C ASN A 39 -7.28 21.01 -15.12
N LYS A 40 -8.26 21.90 -15.18
CA LYS A 40 -8.04 23.32 -15.06
C LYS A 40 -7.56 23.68 -13.65
N GLY A 41 -6.43 24.37 -13.57
CA GLY A 41 -6.05 25.01 -12.33
C GLY A 41 -5.07 24.26 -11.46
N THR A 42 -4.88 24.76 -10.25
CA THR A 42 -3.86 24.25 -9.34
C THR A 42 -4.32 22.99 -8.58
N ARG A 43 -5.61 22.71 -8.60
CA ARG A 43 -6.15 21.60 -7.83
C ARG A 43 -7.01 20.67 -8.68
N ILE A 44 -7.06 19.40 -8.28
CA ILE A 44 -7.93 18.44 -8.93
C ILE A 44 -9.12 18.27 -8.02
N ARG A 45 -10.29 18.67 -8.51
CA ARG A 45 -11.50 18.65 -7.68
C ARG A 45 -12.39 17.45 -7.98
N PHE A 46 -12.69 16.68 -6.93
CA PHE A 46 -13.59 15.55 -7.06
C PHE A 46 -14.92 15.88 -6.39
N LYS A 47 -16.02 15.50 -7.04
CA LYS A 47 -17.34 15.74 -6.47
C LYS A 47 -18.00 14.40 -6.22
N ASP A 48 -18.94 14.37 -5.30
CA ASP A 48 -19.78 13.19 -5.13
C ASP A 48 -20.97 13.52 -4.26
N ASP A 49 -22.14 13.06 -4.67
CA ASP A 49 -23.38 13.26 -3.90
C ASP A 49 -23.29 12.72 -2.46
N SER A 50 -22.40 11.77 -2.21
CA SER A 50 -22.22 11.23 -0.86
C SER A 50 -21.50 12.23 0.05
N SER A 51 -20.98 13.29 -0.53
CA SER A 51 -20.04 14.15 0.21
C SER A 51 -20.56 15.56 0.32
N TYR A 52 -21.08 15.89 1.50
CA TYR A 52 -21.70 17.18 1.73
C TYR A 52 -21.41 17.70 3.14
N GLU A 53 -21.48 19.02 3.29
CA GLU A 53 -21.40 19.69 4.59
C GLU A 53 -22.70 20.42 4.87
N GLU A 54 -22.88 20.84 6.12
CA GLU A 54 -23.97 21.76 6.38
C GLU A 54 -23.37 23.11 6.76
N VAL A 55 -23.77 24.12 6.00
CA VAL A 55 -23.34 25.49 6.24
C VAL A 55 -24.51 26.24 6.89
N ASN A 56 -24.44 26.39 8.22
CA ASN A 56 -25.54 26.98 8.99
C ASN A 56 -26.88 26.31 8.66
N GLY A 57 -26.94 25.02 8.95
CA GLY A 57 -28.15 24.24 8.77
C GLY A 57 -28.46 23.86 7.34
N ILE A 58 -27.78 24.46 6.37
CA ILE A 58 -28.06 24.17 4.98
C ILE A 58 -27.01 23.23 4.38
N ARG A 59 -27.51 22.18 3.73
CA ARG A 59 -26.66 21.17 3.13
C ARG A 59 -26.01 21.69 1.84
N LYS A 60 -24.68 21.59 1.78
CA LYS A 60 -23.94 21.98 0.60
C LYS A 60 -22.86 20.96 0.28
N PRO A 61 -22.53 20.81 -1.03
CA PRO A 61 -21.55 19.81 -1.46
C PRO A 61 -20.18 20.07 -0.88
N ARG A 62 -19.52 19.01 -0.44
CA ARG A 62 -18.15 19.12 0.01
C ARG A 62 -17.24 18.38 -0.96
N HIS A 63 -16.49 19.13 -1.76
CA HIS A 63 -15.59 18.54 -2.73
C HIS A 63 -14.27 18.11 -2.11
N LEU A 64 -13.67 17.08 -2.70
CA LEU A 64 -12.36 16.61 -2.28
C LEU A 64 -11.33 17.18 -3.23
N TYR A 65 -10.33 17.87 -2.68
CA TYR A 65 -9.30 18.50 -3.49
C TYR A 65 -7.96 17.79 -3.34
N VAL A 66 -7.39 17.41 -4.48
CA VAL A 66 -6.00 16.97 -4.54
C VAL A 66 -5.22 17.98 -5.39
N SER A 67 -4.04 18.37 -4.92
CA SER A 67 -3.27 19.38 -5.64
C SER A 67 -2.45 18.72 -6.75
N MET A 68 -2.34 19.43 -7.88
CA MET A 68 -1.63 18.93 -9.06
C MET A 68 -0.21 18.49 -8.77
N PRO A 69 0.34 17.60 -9.63
CA PRO A 69 1.75 17.23 -9.55
C PRO A 69 2.68 18.45 -9.52
N THR A 70 3.13 18.79 -8.31
CA THR A 70 4.17 19.78 -8.12
C THR A 70 5.37 18.86 -8.25
N ALA A 71 6.40 19.29 -8.98
CA ALA A 71 7.63 18.50 -9.12
C ALA A 71 8.44 18.96 -7.92
N GLN A 72 8.18 18.33 -6.77
CA GLN A 72 8.68 18.75 -5.46
C GLN A 72 8.42 20.26 -5.27
N SER A 73 9.50 21.04 -5.16
CA SER A 73 9.40 22.50 -5.06
C SER A 73 8.48 22.96 -3.91
N THR A 74 7.38 23.64 -4.26
CA THR A 74 6.40 24.06 -3.27
C THR A 74 5.58 22.88 -2.75
N MET A 75 6.22 22.00 -2.00
CA MET A 75 5.47 20.96 -1.29
C MET A 75 5.45 21.27 0.21
N LYS A 76 4.27 21.64 0.68
CA LYS A 76 4.03 21.72 2.11
C LYS A 76 3.99 20.29 2.63
N ALA A 77 4.42 20.07 3.87
CA ALA A 77 4.34 18.75 4.46
C ALA A 77 2.88 18.30 4.48
N ASP A 78 2.00 19.29 4.56
CA ASP A 78 0.55 19.17 4.60
C ASP A 78 -0.11 18.82 3.27
N GLU A 79 0.63 19.01 2.18
CA GLU A 79 0.05 18.99 0.84
C GLU A 79 -0.40 17.60 0.37
N ILE A 80 -1.67 17.49 0.02
CA ILE A 80 -2.23 16.24 -0.48
C ILE A 80 -1.98 16.10 -1.96
N THR A 81 -0.83 15.54 -2.30
CA THR A 81 -0.46 15.30 -3.68
C THR A 81 -1.15 14.04 -4.17
N PRO A 82 -1.23 13.84 -5.49
CA PRO A 82 -1.80 12.61 -6.03
C PRO A 82 -1.12 11.36 -5.46
N GLY A 83 0.21 11.39 -5.41
CA GLY A 83 0.98 10.27 -4.90
C GLY A 83 0.75 10.06 -3.41
N ARG A 84 0.69 11.14 -2.64
CA ARG A 84 0.46 11.00 -1.20
C ARG A 84 -0.95 10.50 -0.94
N PHE A 85 -1.90 11.00 -1.73
CA PHE A 85 -3.29 10.60 -1.54
C PHE A 85 -3.44 9.11 -1.83
N ARG A 86 -2.89 8.65 -2.95
CA ARG A 86 -3.02 7.25 -3.33
C ARG A 86 -2.47 6.35 -2.24
N THR A 87 -1.26 6.65 -1.82
CA THR A 87 -0.53 5.87 -0.82
C THR A 87 -1.31 5.67 0.47
N ILE A 88 -1.83 6.78 1.00
CA ILE A 88 -2.54 6.71 2.25
C ILE A 88 -3.90 6.03 2.09
N ALA A 89 -4.61 6.30 0.98
CA ALA A 89 -5.96 5.74 0.80
C ALA A 89 -5.91 4.24 0.56
N CYS A 90 -4.88 3.79 -0.16
CA CYS A 90 -4.61 2.35 -0.36
C CYS A 90 -4.51 1.58 0.95
N GLY A 91 -3.81 2.17 1.90
CA GLY A 91 -3.67 1.56 3.22
C GLY A 91 -4.89 1.64 4.11
N LEU A 92 -5.67 2.72 3.97
CA LEU A 92 -6.83 2.95 4.83
C LEU A 92 -8.07 2.13 4.45
N PHE A 93 -8.24 1.87 3.16
CA PHE A 93 -9.44 1.19 2.69
C PHE A 93 -9.21 -0.01 1.76
N PRO A 94 -8.34 -0.96 2.14
CA PRO A 94 -8.09 -2.05 1.18
C PRO A 94 -9.26 -3.02 1.00
N ALA A 95 -10.13 -3.14 1.99
CA ALA A 95 -11.27 -4.06 1.87
C ALA A 95 -12.28 -3.50 0.90
N GLN A 96 -12.46 -2.18 0.91
CA GLN A 96 -13.41 -1.53 0.00
C GLN A 96 -12.88 -1.53 -1.44
N VAL A 97 -11.56 -1.38 -1.58
CA VAL A 97 -10.91 -1.47 -2.86
C VAL A 97 -11.07 -2.89 -3.41
N LYS A 98 -10.91 -3.88 -2.55
CA LYS A 98 -11.11 -5.28 -2.92
C LYS A 98 -12.54 -5.54 -3.36
N ALA A 99 -13.49 -5.00 -2.60
CA ALA A 99 -14.91 -5.20 -2.86
C ALA A 99 -15.33 -4.64 -4.24
N ARG A 100 -14.65 -3.62 -4.69
CA ARG A 100 -14.91 -3.03 -5.97
C ARG A 100 -13.94 -3.50 -7.04
N ASN A 101 -13.06 -4.40 -6.70
CA ASN A 101 -12.07 -4.87 -7.62
C ASN A 101 -11.33 -3.75 -8.35
N ILE A 102 -10.98 -2.69 -7.65
CA ILE A 102 -10.19 -1.63 -8.22
C ILE A 102 -8.71 -1.97 -8.36
N ILE A 103 -8.24 -2.09 -9.58
CA ILE A 103 -6.87 -2.43 -9.82
C ILE A 103 -6.17 -1.51 -10.78
N SER A 104 -5.07 -0.93 -10.37
CA SER A 104 -4.31 -0.10 -11.28
C SER A 104 -3.70 -0.98 -12.41
N PRO A 105 -3.82 -0.53 -13.67
CA PRO A 105 -3.28 -1.25 -14.85
C PRO A 105 -1.81 -1.60 -14.68
N VAL A 106 -1.13 -0.74 -13.96
CA VAL A 106 0.26 -0.92 -13.62
C VAL A 106 0.49 -2.20 -12.77
N MET A 107 -0.47 -2.52 -11.92
CA MET A 107 -0.44 -3.79 -11.17
C MET A 107 -1.10 -4.91 -11.96
N GLY A 108 -2.14 -4.59 -12.72
CA GLY A 108 -2.85 -5.60 -13.49
C GLY A 108 -1.94 -6.37 -14.44
N VAL A 109 -1.01 -5.67 -15.07
CA VAL A 109 -0.16 -6.29 -16.09
C VAL A 109 0.96 -7.15 -15.51
N ILE A 110 1.21 -7.06 -14.21
CA ILE A 110 2.17 -7.99 -13.62
C ILE A 110 1.40 -9.15 -12.98
N GLY A 111 0.10 -9.23 -13.32
CA GLY A 111 -0.73 -10.36 -12.94
C GLY A 111 -1.33 -10.27 -11.54
N PHE A 112 -1.55 -9.05 -11.04
CA PHE A 112 -2.08 -8.86 -9.68
C PHE A 112 -3.39 -9.63 -9.39
N SER A 113 -4.33 -9.63 -10.35
CA SER A 113 -5.62 -10.31 -10.10
C SER A 113 -5.44 -11.80 -9.90
N PHE A 114 -4.59 -12.42 -10.70
CA PHE A 114 -4.35 -13.84 -10.53
C PHE A 114 -3.62 -14.08 -9.21
N PHE A 115 -2.73 -13.16 -8.86
CA PHE A 115 -1.88 -13.34 -7.70
C PHE A 115 -2.70 -13.35 -6.41
N VAL A 116 -3.67 -12.46 -6.30
CA VAL A 116 -4.40 -12.33 -5.04
C VAL A 116 -5.65 -13.19 -4.99
N LYS A 117 -5.92 -13.91 -6.09
CA LYS A 117 -7.10 -14.77 -6.22
C LYS A 117 -7.38 -15.61 -4.97
N ASP A 118 -6.38 -16.35 -4.51
CA ASP A 118 -6.56 -17.16 -3.30
C ASP A 118 -5.56 -16.74 -2.24
N TRP A 119 -5.50 -15.43 -2.04
CA TRP A 119 -4.47 -14.81 -1.24
C TRP A 119 -4.29 -15.45 0.13
N MET A 120 -5.40 -15.78 0.80
CA MET A 120 -5.32 -16.28 2.17
C MET A 120 -4.57 -17.61 2.22
N GLU A 121 -4.86 -18.49 1.26
CA GLU A 121 -4.14 -19.75 1.13
C GLU A 121 -2.69 -19.55 0.67
N ARG A 122 -2.49 -18.59 -0.24
CA ARG A 122 -1.15 -18.32 -0.78
C ARG A 122 -0.18 -17.83 0.30
N ILE A 123 -0.64 -16.92 1.14
CA ILE A 123 0.20 -16.39 2.19
C ILE A 123 0.38 -17.45 3.28
N ASP A 124 -0.65 -18.26 3.51
CA ASP A 124 -0.52 -19.34 4.50
C ASP A 124 0.53 -20.35 4.08
N ASP A 125 0.52 -20.75 2.80
CA ASP A 125 1.50 -21.71 2.28
C ASP A 125 2.90 -21.16 2.39
N PHE A 126 3.03 -19.86 2.08
CA PHE A 126 4.29 -19.18 2.24
C PHE A 126 4.78 -19.23 3.68
N LEU A 127 3.91 -18.86 4.62
CA LEU A 127 4.33 -18.74 6.01
C LEU A 127 4.61 -20.11 6.62
N ALA A 128 3.95 -21.13 6.08
CA ALA A 128 4.10 -22.52 6.54
C ALA A 128 5.41 -23.15 6.06
N ALA A 129 5.94 -22.67 4.94
CA ALA A 129 7.11 -23.28 4.34
C ALA A 129 8.38 -23.07 5.17
N ARG A 130 9.36 -23.93 4.92
CA ARG A 130 10.67 -23.83 5.57
C ARG A 130 11.40 -22.56 5.16
N CYS A 131 11.97 -21.87 6.13
CA CYS A 131 12.77 -20.71 5.85
C CYS A 131 14.23 -21.14 5.76
N PRO A 132 14.80 -21.06 4.55
CA PRO A 132 16.15 -21.58 4.26
C PRO A 132 17.21 -21.09 5.23
N PHE A 133 17.06 -19.90 5.77
CA PHE A 133 18.13 -19.38 6.61
C PHE A 133 17.78 -19.35 8.09
N LEU A 134 16.82 -20.18 8.48
CA LEU A 134 16.67 -20.55 9.87
C LEU A 134 17.16 -21.99 10.00
N PRO A 135 17.88 -22.30 11.07
CA PRO A 135 18.38 -23.68 11.17
C PRO A 135 17.26 -24.65 11.50
N GLU A 136 17.49 -25.92 11.20
CA GLU A 136 16.61 -27.01 11.60
C GLU A 136 16.72 -27.18 13.11
N GLN A 137 15.59 -27.35 13.78
CA GLN A 137 15.58 -27.59 15.22
C GLN A 137 15.97 -29.04 15.43
N LYS A 138 16.60 -29.35 16.55
CA LYS A 138 17.02 -30.73 16.75
C LYS A 138 15.88 -31.58 17.33
N ASP A 139 14.95 -30.94 18.04
CA ASP A 139 13.68 -31.58 18.37
C ASP A 139 12.68 -31.42 17.21
N PRO A 140 12.25 -32.54 16.61
CA PRO A 140 11.30 -32.54 15.49
C PRO A 140 10.03 -31.78 15.76
N ARG A 141 9.64 -31.68 17.02
CA ARG A 141 8.37 -31.02 17.35
C ARG A 141 8.51 -29.51 17.35
N ASP A 142 9.74 -29.01 17.35
CA ASP A 142 9.96 -27.56 17.33
C ASP A 142 10.13 -27.05 15.90
N ALA A 143 9.71 -27.87 14.93
CA ALA A 143 9.96 -27.59 13.52
C ALA A 143 9.39 -26.26 13.06
N ALA A 144 8.31 -25.82 13.69
CA ALA A 144 7.70 -24.55 13.31
C ALA A 144 8.68 -23.37 13.49
N LEU A 145 9.68 -23.54 14.34
CA LEU A 145 10.66 -22.48 14.55
C LEU A 145 11.59 -22.29 13.35
N ALA A 146 11.43 -23.12 12.32
CA ALA A 146 12.25 -23.00 11.12
C ALA A 146 11.45 -22.50 9.93
N THR A 147 10.21 -22.09 10.16
CA THR A 147 9.34 -21.66 9.07
C THR A 147 9.43 -20.17 8.82
N ASN A 148 8.96 -19.75 7.63
CA ASN A 148 8.83 -18.35 7.30
C ASN A 148 8.00 -17.58 8.33
N ARG A 149 6.95 -18.21 8.87
CA ARG A 149 6.14 -17.64 9.95
C ARG A 149 7.00 -17.26 11.15
N ALA A 150 7.92 -18.15 11.51
CA ALA A 150 8.85 -17.88 12.60
C ALA A 150 9.70 -16.68 12.27
N TYR A 151 10.11 -16.59 11.02
CA TYR A 151 11.01 -15.52 10.65
C TYR A 151 10.30 -14.16 10.70
N PHE A 152 9.01 -14.14 10.33
CA PHE A 152 8.21 -12.91 10.36
C PHE A 152 7.92 -12.45 11.78
N ILE A 153 7.87 -13.36 12.73
CA ILE A 153 7.74 -12.94 14.13
C ILE A 153 8.99 -12.19 14.56
N THR A 154 10.18 -12.70 14.22
CA THR A 154 11.41 -11.99 14.56
C THR A 154 11.43 -10.64 13.83
N ARG A 155 11.01 -10.60 12.56
CA ARG A 155 10.90 -9.33 11.82
C ARG A 155 9.95 -8.35 12.51
N GLN A 156 8.81 -8.86 12.93
CA GLN A 156 7.81 -8.05 13.62
C GLN A 156 8.38 -7.43 14.89
N LEU A 157 9.13 -8.23 15.64
CA LEU A 157 9.74 -7.73 16.89
C LEU A 157 10.84 -6.70 16.56
N GLN A 158 11.47 -6.84 15.40
CA GLN A 158 12.46 -5.85 14.95
C GLN A 158 11.83 -4.54 14.48
N VAL A 159 10.79 -4.60 13.63
CA VAL A 159 10.14 -3.37 13.13
C VAL A 159 9.42 -2.59 14.25
N ASP A 160 9.05 -3.28 15.33
CA ASP A 160 8.30 -2.69 16.45
C ASP A 160 9.06 -1.60 17.20
N GLU A 161 10.37 -1.53 16.96
CA GLU A 161 11.21 -0.63 17.72
C GLU A 161 11.58 0.58 16.89
N SER A 162 11.20 0.52 15.62
CA SER A 162 11.53 1.58 14.68
C SER A 162 10.26 2.41 14.39
N LYS A 163 9.28 2.32 15.27
CA LYS A 163 8.02 3.02 15.08
C LYS A 163 8.16 4.52 15.39
N VAL A 164 7.53 5.33 14.55
CA VAL A 164 7.46 6.78 14.72
C VAL A 164 6.09 7.20 15.24
N SER A 165 6.06 8.21 16.11
CA SER A 165 4.80 8.63 16.74
C SER A 165 3.73 9.05 15.73
N ASP A 166 4.11 9.74 14.66
CA ASP A 166 3.10 10.32 13.79
C ASP A 166 2.37 9.27 12.95
N ILE A 167 3.07 8.19 12.61
CA ILE A 167 2.46 7.08 11.87
C ILE A 167 1.63 6.18 12.80
N GLU A 168 2.02 6.08 14.06
CA GLU A 168 1.22 5.37 15.06
C GLU A 168 -0.03 6.17 15.42
N ASP A 169 0.10 7.49 15.37
CA ASP A 169 -1.03 8.38 15.55
C ASP A 169 -2.04 8.16 14.44
N LEU A 170 -1.56 8.20 13.19
CA LEU A 170 -2.42 8.00 12.04
C LEU A 170 -3.13 6.66 12.14
N ILE A 171 -2.39 5.63 12.57
CA ILE A 171 -2.98 4.29 12.72
C ILE A 171 -4.07 4.30 13.80
N ALA A 172 -3.74 4.90 14.94
CA ALA A 172 -4.71 5.11 16.02
C ALA A 172 -5.99 5.74 15.50
N ASP A 173 -5.83 6.82 14.75
CA ASP A 173 -6.97 7.58 14.27
C ASP A 173 -7.69 6.83 13.16
N ALA A 174 -7.00 5.88 12.53
CA ALA A 174 -7.65 5.06 11.50
C ALA A 174 -8.61 4.07 12.14
N ARG A 175 -8.19 3.51 13.28
CA ARG A 175 -9.02 2.58 14.01
C ARG A 175 -10.26 3.31 14.53
N ALA A 176 -10.04 4.51 15.10
CA ALA A 176 -11.13 5.32 15.65
C ALA A 176 -12.15 5.76 14.59
N GLU A 177 -11.88 5.44 13.32
CA GLU A 177 -12.82 5.76 12.25
C GLU A 177 -13.18 4.51 11.43
N SER A 178 -13.01 3.34 12.03
CA SER A 178 -13.37 2.05 11.41
C SER A 178 -12.78 1.79 10.01
N ALA A 179 -11.55 2.23 9.78
CA ALA A 179 -10.86 1.92 8.53
C ALA A 179 -10.52 0.41 8.50
N THR A 180 -10.44 -0.17 7.30
CA THR A 180 -10.21 -1.61 7.22
C THR A 180 -8.71 -1.93 7.30
N ILE A 181 -8.11 -1.42 8.37
CA ILE A 181 -6.72 -1.61 8.73
C ILE A 181 -6.51 -3.04 9.25
N PHE A 182 -5.25 -3.48 9.38
CA PHE A 182 -4.94 -4.86 9.77
C PHE A 182 -3.58 -4.91 10.43
N ALA A 183 -3.33 -5.96 11.21
CA ALA A 183 -2.14 -6.07 12.02
C ALA A 183 -1.19 -7.17 11.55
N ASP A 184 -1.64 -7.96 10.58
CA ASP A 184 -0.91 -9.15 10.16
C ASP A 184 -1.04 -9.36 8.65
N ILE A 185 0.02 -9.88 8.01
CA ILE A 185 0.01 -10.05 6.58
C ILE A 185 -0.95 -11.18 6.21
N ALA A 186 -1.12 -12.13 7.12
CA ALA A 186 -1.98 -13.29 6.89
C ALA A 186 -3.47 -12.96 7.06
N THR A 187 -3.96 -11.91 6.38
CA THR A 187 -5.35 -11.45 6.52
C THR A 187 -5.89 -11.12 5.12
N PRO A 188 -7.22 -11.25 4.90
CA PRO A 188 -7.76 -11.28 3.53
C PRO A 188 -7.40 -10.08 2.65
N HIS A 189 -7.27 -8.89 3.23
CA HIS A 189 -7.11 -7.65 2.46
C HIS A 189 -5.69 -7.06 2.51
N SER A 190 -4.77 -7.74 3.19
CA SER A 190 -3.43 -7.16 3.36
C SER A 190 -2.81 -6.82 2.00
N VAL A 191 -2.85 -7.77 1.07
CA VAL A 191 -2.22 -7.57 -0.24
C VAL A 191 -2.94 -6.48 -1.04
N TRP A 192 -4.22 -6.26 -0.73
CA TRP A 192 -5.00 -5.31 -1.53
C TRP A 192 -4.60 -3.86 -1.31
N VAL A 193 -3.73 -3.59 -0.33
CA VAL A 193 -3.24 -2.23 -0.17
C VAL A 193 -2.36 -1.85 -1.36
N PHE A 194 -1.91 -2.82 -2.16
CA PHE A 194 -1.07 -2.49 -3.32
C PHE A 194 -1.82 -2.52 -4.66
N ALA A 195 -3.11 -2.81 -4.63
CA ALA A 195 -3.90 -2.87 -5.85
C ALA A 195 -3.80 -1.59 -6.69
N CYS A 196 -3.80 -0.45 -6.01
CA CYS A 196 -3.81 0.83 -6.70
C CYS A 196 -2.41 1.43 -6.89
N ALA A 197 -1.39 0.59 -6.73
CA ALA A 197 0.00 0.95 -7.00
C ALA A 197 0.47 2.19 -6.25
N PRO A 198 0.41 2.15 -4.92
CA PRO A 198 0.96 3.30 -4.21
C PRO A 198 2.46 3.44 -4.46
N ASP A 199 3.00 4.65 -4.38
CA ASP A 199 4.40 4.87 -4.78
C ASP A 199 5.34 4.45 -3.67
N ARG A 200 4.76 4.10 -2.53
CA ARG A 200 5.52 3.61 -1.36
C ARG A 200 4.59 2.70 -0.54
N CYS A 201 5.14 1.97 0.42
CA CYS A 201 4.30 1.23 1.37
C CYS A 201 3.39 2.21 2.10
N PRO A 202 2.07 1.96 2.09
CA PRO A 202 1.17 2.83 2.87
C PRO A 202 1.55 2.86 4.35
N PRO A 203 1.51 4.05 4.95
CA PRO A 203 1.99 4.29 6.31
C PRO A 203 1.31 3.38 7.31
N THR A 204 0.01 3.14 7.13
CA THR A 204 -0.70 2.27 8.06
C THR A 204 -0.29 0.81 7.96
N ALA A 205 0.54 0.45 6.98
CA ALA A 205 0.97 -0.94 6.83
C ALA A 205 2.47 -1.12 7.07
N LEU A 206 3.16 0.01 7.23
CA LEU A 206 4.60 0.07 7.43
C LEU A 206 5.14 -0.90 8.49
N TYR A 207 4.36 -1.10 9.55
CA TYR A 207 4.85 -1.85 10.69
C TYR A 207 4.22 -3.24 10.79
N VAL A 208 3.54 -3.67 9.74
CA VAL A 208 3.13 -5.07 9.66
C VAL A 208 4.23 -5.84 8.99
N ALA A 209 4.80 -6.82 9.70
CA ALA A 209 5.90 -7.65 9.19
C ALA A 209 5.62 -8.16 7.79
N GLY A 210 6.51 -7.84 6.85
CA GLY A 210 6.47 -8.34 5.49
C GLY A 210 5.79 -7.44 4.48
N MET A 211 5.01 -6.47 4.96
CA MET A 211 4.22 -5.62 4.06
C MET A 211 5.08 -4.69 3.20
N PRO A 212 5.97 -3.88 3.82
CA PRO A 212 6.82 -3.03 2.96
C PRO A 212 7.54 -3.84 1.88
N GLU A 213 7.94 -5.05 2.27
CA GLU A 213 8.68 -5.94 1.40
C GLU A 213 7.77 -6.57 0.31
N LEU A 214 6.50 -6.76 0.63
CA LEU A 214 5.56 -7.25 -0.38
C LEU A 214 5.47 -6.24 -1.52
N GLY A 215 5.33 -4.96 -1.16
CA GLY A 215 5.27 -3.91 -2.15
C GLY A 215 6.52 -3.90 -2.99
N ALA A 216 7.66 -4.19 -2.35
CA ALA A 216 8.93 -4.23 -3.06
C ALA A 216 8.95 -5.40 -4.06
N PHE A 217 8.35 -6.52 -3.67
CA PHE A 217 8.25 -7.69 -4.53
C PHE A 217 7.49 -7.34 -5.80
N PHE A 218 6.38 -6.63 -5.64
CA PHE A 218 5.59 -6.16 -6.77
C PHE A 218 6.38 -5.20 -7.65
N ALA A 219 7.12 -4.31 -7.03
CA ALA A 219 7.86 -3.31 -7.80
C ALA A 219 8.92 -3.99 -8.68
N ILE A 220 9.50 -5.08 -8.19
CA ILE A 220 10.56 -5.78 -8.91
C ILE A 220 9.96 -6.52 -10.12
N LEU A 221 8.79 -7.09 -9.93
CA LEU A 221 8.02 -7.65 -11.04
C LEU A 221 7.72 -6.60 -12.10
N GLN A 222 7.36 -5.38 -11.68
CA GLN A 222 7.13 -4.32 -12.66
C GLN A 222 8.37 -4.12 -13.53
N ASP A 223 9.54 -4.00 -12.90
CA ASP A 223 10.81 -3.85 -13.61
C ASP A 223 11.11 -5.06 -14.51
N MET A 224 10.85 -6.24 -13.99
CA MET A 224 11.04 -7.48 -14.73
C MET A 224 10.21 -7.47 -16.01
N ARG A 225 8.91 -7.17 -15.85
CA ARG A 225 7.98 -7.11 -16.98
C ARG A 225 8.42 -6.04 -17.93
N ASN A 226 8.77 -4.88 -17.39
CA ASN A 226 9.27 -3.79 -18.20
C ASN A 226 10.50 -4.19 -19.03
N THR A 227 11.37 -4.98 -18.42
CA THR A 227 12.55 -5.50 -19.11
C THR A 227 12.11 -6.40 -20.25
N ILE A 228 11.17 -7.30 -19.96
CA ILE A 228 10.68 -8.24 -20.95
C ILE A 228 10.07 -7.50 -22.14
N MET A 229 9.31 -6.43 -21.88
CA MET A 229 8.81 -5.59 -22.98
C MET A 229 9.93 -4.73 -23.55
N SER A 245 13.42 1.63 -16.73
CA SER A 245 12.43 1.80 -15.67
C SER A 245 13.02 1.52 -14.30
N ALA A 246 12.53 2.22 -13.28
CA ALA A 246 13.12 2.10 -11.95
C ALA A 246 12.07 1.94 -10.88
N PHE A 247 11.15 0.99 -11.08
CA PHE A 247 10.06 0.81 -10.13
C PHE A 247 10.58 0.37 -8.76
N TYR A 248 11.50 -0.59 -8.73
CA TYR A 248 11.96 -1.10 -7.43
C TYR A 248 12.77 -0.04 -6.69
N GLN A 249 13.70 0.61 -7.40
CA GLN A 249 14.54 1.61 -6.74
C GLN A 249 13.73 2.80 -6.23
N SER A 250 12.70 3.20 -6.98
CA SER A 250 11.85 4.31 -6.54
C SER A 250 11.05 3.94 -5.31
N TYR A 251 10.48 2.74 -5.32
CA TYR A 251 9.69 2.27 -4.20
C TYR A 251 10.57 2.13 -2.95
N LEU A 252 11.75 1.54 -3.13
CA LEU A 252 12.71 1.39 -2.04
C LEU A 252 13.02 2.72 -1.39
N ARG A 253 13.44 3.68 -2.21
CA ARG A 253 13.87 4.98 -1.71
C ARG A 253 12.75 5.65 -0.93
N ARG A 254 11.55 5.67 -1.52
CA ARG A 254 10.43 6.37 -0.89
C ARG A 254 9.94 5.67 0.36
N THR A 255 9.89 4.34 0.33
CA THR A 255 9.45 3.58 1.49
C THR A 255 10.45 3.73 2.64
N GLN A 256 11.73 3.59 2.32
CA GLN A 256 12.74 3.68 3.37
C GLN A 256 12.88 5.09 3.91
N SER A 257 12.41 6.09 3.16
CA SER A 257 12.40 7.47 3.66
C SER A 257 11.36 7.69 4.77
N MET A 258 10.45 6.73 4.93
CA MET A 258 9.48 6.76 6.02
C MET A 258 10.04 6.25 7.35
N GLY A 259 11.30 5.82 7.36
CA GLY A 259 11.97 5.58 8.63
C GLY A 259 12.11 4.12 9.01
N ILE A 260 11.96 3.23 8.04
CA ILE A 260 12.26 1.82 8.26
C ILE A 260 13.17 1.37 7.13
N GLN A 261 13.94 0.31 7.36
CA GLN A 261 14.73 -0.28 6.28
C GLN A 261 14.11 -1.59 5.88
N LEU A 262 13.96 -1.83 4.58
CA LEU A 262 13.40 -3.09 4.07
C LEU A 262 14.26 -4.29 4.46
N ASP A 263 13.61 -5.41 4.78
CA ASP A 263 14.34 -6.65 5.06
C ASP A 263 14.55 -7.36 3.75
N GLN A 264 15.77 -7.23 3.21
CA GLN A 264 16.09 -7.80 1.91
C GLN A 264 15.96 -9.33 1.89
N LYS A 265 16.10 -9.99 3.04
CA LYS A 265 15.92 -11.43 3.11
C LYS A 265 14.48 -11.85 2.81
N ILE A 266 13.51 -11.06 3.26
CA ILE A 266 12.10 -11.32 2.96
C ILE A 266 11.79 -11.20 1.47
N ILE A 267 12.34 -10.17 0.83
CA ILE A 267 12.17 -10.01 -0.62
C ILE A 267 12.70 -11.24 -1.38
N ILE A 268 13.80 -11.81 -0.92
CA ILE A 268 14.33 -13.04 -1.51
C ILE A 268 13.38 -14.24 -1.32
N LEU A 269 12.85 -14.40 -0.12
CA LEU A 269 11.83 -15.40 0.14
C LEU A 269 10.63 -15.26 -0.80
N TYR A 270 10.13 -14.03 -0.95
CA TYR A 270 8.96 -13.77 -1.81
C TYR A 270 9.27 -14.16 -3.26
N MET A 271 10.45 -13.77 -3.70
CA MET A 271 10.83 -13.97 -5.08
C MET A 271 11.10 -15.46 -5.37
N SER A 272 11.68 -16.16 -4.41
CA SER A 272 11.97 -17.57 -4.63
C SER A 272 10.66 -18.35 -4.67
N HIS A 273 9.69 -17.93 -3.87
CA HIS A 273 8.42 -18.62 -3.80
C HIS A 273 7.49 -18.33 -4.96
N TRP A 274 7.47 -17.08 -5.40
CA TRP A 274 6.39 -16.63 -6.25
C TRP A 274 6.87 -16.15 -7.62
N GLY A 275 8.19 -16.10 -7.78
CA GLY A 275 8.78 -15.44 -8.93
C GLY A 275 8.48 -16.05 -10.29
N ARG A 276 8.66 -17.36 -10.39
CA ARG A 276 8.47 -18.05 -11.65
C ARG A 276 7.02 -17.93 -12.10
N GLU A 277 6.12 -18.23 -11.17
CA GLU A 277 4.70 -18.22 -11.47
C GLU A 277 4.25 -16.82 -11.87
N ALA A 278 4.76 -15.81 -11.18
CA ALA A 278 4.40 -14.42 -11.49
C ALA A 278 4.71 -14.10 -12.93
N VAL A 279 5.93 -14.39 -13.37
CA VAL A 279 6.35 -14.10 -14.74
C VAL A 279 5.39 -14.71 -15.77
N ASN A 280 4.92 -15.93 -15.50
CA ASN A 280 3.98 -16.58 -16.41
C ASN A 280 2.63 -15.92 -16.50
N HIS A 281 2.37 -14.96 -15.62
CA HIS A 281 1.09 -14.27 -15.63
C HIS A 281 1.23 -12.78 -15.94
N PHE A 282 2.42 -12.37 -16.39
CA PHE A 282 2.58 -11.02 -16.90
C PHE A 282 1.70 -10.85 -18.13
N HIS A 283 1.13 -9.66 -18.28
CA HIS A 283 0.50 -9.32 -19.55
C HIS A 283 1.55 -8.70 -20.45
N LEU A 284 1.85 -9.40 -21.54
CA LEU A 284 2.86 -8.96 -22.49
C LEU A 284 2.23 -8.60 -23.84
P PO4 B . 6.91 12.87 0.61
O1 PO4 B . 7.99 12.26 -0.26
O2 PO4 B . 6.84 12.12 1.92
O3 PO4 B . 5.61 12.76 -0.15
O4 PO4 B . 7.24 14.31 0.92
#